data_4TQF
#
_entry.id   4TQF
#
_cell.length_a   105.110
_cell.length_b   105.110
_cell.length_c   70.290
_cell.angle_alpha   90.00
_cell.angle_beta   90.00
_cell.angle_gamma   120.00
#
_symmetry.space_group_name_H-M   'P 64'
#
loop_
_entity.id
_entity.type
_entity.pdbx_description
1 polymer 'Pyrrolysine--tRNA ligase'
2 non-polymer 'MAGNESIUM ION'
3 non-polymer "ADENOSINE-5'-TRIPHOSPHATE"
4 non-polymer 3-(5-bromothiophen-2-yl)-L-alanine
5 non-polymer 1,2-ETHANEDIOL
6 water water
#
_entity_poly.entity_id   1
_entity_poly.type   'polypeptide(L)'
_entity_poly.pdbx_seq_one_letter_code
;MGSSHHHHHHSSGLVPRGSHMASAPALTKSQTDRLEVLLNPKDEISLNSGKPFRELESELLSRRKKDLQQIYAEERENYL
GKLEREITRFFVDRGFLEIKSPILIPLEYIERMGIDNDTELSKQIFRVDKNFCLRPMLAPNLYNYLRKLDRALPDPIKIF
EIGPCYRKESDGKEHLEEFTMLSFIQMGSGCTRENLESIITDFLNHLGIDFKIVGDSCMVYGDTLDVMHGDLELSSAVVG
PIPLDREWGIDKPWIGAGFGLERLLKVKHDFKNIKRAARSESYYNGISTNL
;
_entity_poly.pdbx_strand_id   A
#
loop_
_chem_comp.id
_chem_comp.type
_chem_comp.name
_chem_comp.formula
ATP non-polymer ADENOSINE-5'-TRIPHOSPHATE 'C10 H16 N5 O13 P3'
EDO non-polymer 1,2-ETHANEDIOL 'C2 H6 O2'
MG non-polymer 'MAGNESIUM ION' 'Mg 2'
#
# COMPACT_ATOMS: atom_id res chain seq x y z
N PRO A 25 -33.24 -26.17 2.73
CA PRO A 25 -33.21 -25.96 1.28
C PRO A 25 -31.94 -25.23 0.84
N ALA A 26 -32.05 -24.40 -0.19
CA ALA A 26 -30.93 -23.64 -0.71
C ALA A 26 -30.58 -22.46 0.20
N LEU A 27 -29.34 -22.00 0.12
CA LEU A 27 -28.88 -20.87 0.93
C LEU A 27 -29.39 -19.55 0.37
N THR A 28 -29.90 -18.70 1.24
CA THR A 28 -30.27 -17.34 0.86
C THR A 28 -29.00 -16.56 0.51
N LYS A 29 -29.16 -15.42 -0.14
CA LYS A 29 -28.01 -14.59 -0.45
C LYS A 29 -27.35 -14.06 0.82
N SER A 30 -28.18 -13.76 1.83
CA SER A 30 -27.66 -13.23 3.09
C SER A 30 -26.84 -14.27 3.83
N GLN A 31 -27.29 -15.52 3.78
CA GLN A 31 -26.55 -16.61 4.41
C GLN A 31 -25.22 -16.85 3.70
N THR A 32 -25.23 -16.73 2.38
CA THR A 32 -24.02 -16.91 1.59
C THR A 32 -23.00 -15.81 1.88
N ASP A 33 -23.49 -14.57 2.05
CA ASP A 33 -22.63 -13.46 2.42
C ASP A 33 -22.01 -13.70 3.81
N ARG A 34 -22.84 -14.16 4.74
CA ARG A 34 -22.40 -14.46 6.11
C ARG A 34 -21.30 -15.52 6.12
N LEU A 35 -21.46 -16.57 5.32
CA LEU A 35 -20.46 -17.64 5.23
C LEU A 35 -19.19 -17.15 4.51
N GLU A 36 -19.35 -16.26 3.54
CA GLU A 36 -18.22 -15.72 2.79
C GLU A 36 -17.29 -14.94 3.72
N VAL A 37 -17.87 -14.23 4.68
CA VAL A 37 -17.13 -13.54 5.71
C VAL A 37 -16.27 -14.50 6.52
N LEU A 38 -16.83 -15.67 6.83
CA LEU A 38 -16.14 -16.67 7.66
C LEU A 38 -15.18 -17.51 6.84
N LEU A 39 -15.16 -17.28 5.54
CA LEU A 39 -14.42 -18.13 4.61
C LEU A 39 -12.99 -17.65 4.38
N ASN A 40 -12.04 -18.57 4.51
CA ASN A 40 -10.66 -18.32 4.10
C ASN A 40 -10.40 -18.97 2.74
N PRO A 41 -9.48 -18.39 1.95
CA PRO A 41 -9.17 -18.92 0.61
C PRO A 41 -8.77 -20.40 0.64
N LYS A 42 -8.24 -20.85 1.77
CA LYS A 42 -7.75 -22.22 1.93
C LYS A 42 -8.87 -23.25 2.19
N ASP A 43 -10.04 -22.76 2.56
CA ASP A 43 -11.16 -23.63 2.95
C ASP A 43 -11.72 -24.45 1.79
N GLU A 44 -12.18 -25.66 2.11
CA GLU A 44 -12.82 -26.54 1.12
C GLU A 44 -13.99 -27.30 1.74
N ASN A 48 -21.53 -26.79 -3.13
CA ASN A 48 -22.87 -27.06 -2.62
C ASN A 48 -23.06 -28.51 -2.17
N SER A 49 -23.71 -28.68 -1.03
CA SER A 49 -23.92 -30.00 -0.46
C SER A 49 -25.26 -30.07 0.28
N GLY A 50 -25.58 -31.25 0.79
CA GLY A 50 -26.78 -31.42 1.59
C GLY A 50 -26.54 -31.00 3.03
N LYS A 51 -25.99 -29.80 3.18
CA LYS A 51 -25.62 -29.28 4.49
C LYS A 51 -26.26 -27.91 4.74
N PRO A 52 -26.98 -27.80 5.86
CA PRO A 52 -27.73 -26.58 6.22
C PRO A 52 -26.82 -25.46 6.70
N PHE A 53 -27.34 -24.23 6.70
CA PHE A 53 -26.59 -23.05 7.11
C PHE A 53 -26.00 -23.16 8.51
N ARG A 54 -26.82 -23.60 9.46
CA ARG A 54 -26.40 -23.72 10.86
C ARG A 54 -25.13 -24.54 11.02
N GLU A 55 -25.06 -25.64 10.29
CA GLU A 55 -23.91 -26.54 10.38
C GLU A 55 -22.69 -25.96 9.67
N LEU A 56 -22.89 -25.45 8.47
CA LEU A 56 -21.82 -24.82 7.71
C LEU A 56 -21.22 -23.63 8.47
N GLU A 57 -22.08 -22.82 9.08
CA GLU A 57 -21.64 -21.67 9.85
C GLU A 57 -20.90 -22.12 11.11
N SER A 58 -21.42 -23.14 11.77
CA SER A 58 -20.79 -23.63 13.00
C SER A 58 -19.41 -24.21 12.73
N GLU A 59 -19.25 -24.82 11.55
CA GLU A 59 -17.98 -25.39 11.15
C GLU A 59 -16.95 -24.30 10.92
N LEU A 60 -17.33 -23.30 10.12
CA LEU A 60 -16.47 -22.16 9.82
C LEU A 60 -16.11 -21.35 11.06
N LEU A 61 -17.08 -21.13 11.95
CA LEU A 61 -16.82 -20.43 13.21
C LEU A 61 -15.75 -21.17 14.01
N SER A 62 -15.82 -22.49 13.98
CA SER A 62 -14.85 -23.32 14.67
C SER A 62 -13.46 -23.13 14.05
N ARG A 63 -13.39 -23.20 12.73
CA ARG A 63 -12.10 -23.09 12.03
C ARG A 63 -11.43 -21.74 12.26
N ARG A 64 -12.23 -20.67 12.21
CA ARG A 64 -11.69 -19.32 12.40
C ARG A 64 -11.18 -19.08 13.82
N LYS A 65 -11.91 -19.56 14.81
CA LYS A 65 -11.47 -19.43 16.21
C LYS A 65 -10.12 -20.11 16.42
N LYS A 66 -9.94 -21.29 15.82
CA LYS A 66 -8.68 -22.01 15.94
C LYS A 66 -7.54 -21.24 15.28
N ASP A 67 -7.82 -20.62 14.13
CA ASP A 67 -6.83 -19.79 13.43
C ASP A 67 -6.34 -18.66 14.34
N LEU A 68 -7.27 -17.94 14.95
CA LEU A 68 -6.94 -16.88 15.90
C LEU A 68 -6.22 -17.42 17.13
N GLN A 69 -6.57 -18.63 17.55
CA GLN A 69 -5.90 -19.24 18.69
C GLN A 69 -4.46 -19.60 18.35
N GLN A 70 -4.26 -20.07 17.12
CA GLN A 70 -2.93 -20.46 16.64
C GLN A 70 -2.01 -19.23 16.56
N ILE A 71 -2.50 -18.16 15.93
CA ILE A 71 -1.77 -16.90 15.88
C ILE A 71 -1.39 -16.45 17.30
N TYR A 72 -2.37 -16.49 18.20
CA TYR A 72 -2.20 -16.03 19.58
C TYR A 72 -1.22 -16.89 20.38
N ALA A 73 -1.10 -18.16 20.00
CA ALA A 73 -0.19 -19.06 20.70
C ALA A 73 1.22 -19.01 20.13
N GLU A 74 1.33 -18.71 18.85
CA GLU A 74 2.61 -18.76 18.15
C GLU A 74 3.25 -17.39 17.89
N GLU A 75 2.88 -16.78 16.76
CA GLU A 75 3.59 -15.60 16.27
C GLU A 75 3.12 -14.27 16.87
N ARG A 76 1.80 -14.09 16.95
CA ARG A 76 1.17 -12.90 17.52
C ARG A 76 1.38 -11.59 16.75
N GLU A 77 1.82 -11.69 15.50
CA GLU A 77 2.09 -10.49 14.70
C GLU A 77 0.99 -10.17 13.69
N ASN A 78 0.68 -8.88 13.59
CA ASN A 78 -0.32 -8.41 12.63
C ASN A 78 0.29 -8.39 11.24
N TYR A 79 -0.46 -8.86 10.25
CA TYR A 79 0.06 -8.97 8.88
C TYR A 79 0.53 -7.63 8.33
N LEU A 80 -0.24 -6.59 8.60
CA LEU A 80 0.08 -5.25 8.11
C LEU A 80 1.34 -4.68 8.76
N GLY A 81 1.48 -4.88 10.07
CA GLY A 81 2.67 -4.43 10.76
C GLY A 81 3.89 -5.25 10.33
N LYS A 82 3.69 -6.55 10.19
CA LYS A 82 4.77 -7.45 9.83
C LYS A 82 5.32 -7.16 8.43
N LEU A 83 4.43 -6.90 7.48
CA LEU A 83 4.84 -6.56 6.12
C LEU A 83 5.65 -5.27 6.11
N GLU A 84 5.20 -4.30 6.90
CA GLU A 84 5.91 -3.04 7.04
C GLU A 84 7.33 -3.26 7.54
N ARG A 85 7.51 -4.20 8.46
CA ARG A 85 8.84 -4.49 9.01
C ARG A 85 9.71 -5.22 7.99
N GLU A 86 9.10 -6.11 7.21
CA GLU A 86 9.81 -6.83 6.15
C GLU A 86 10.25 -5.87 5.04
N ILE A 87 9.31 -5.05 4.57
CA ILE A 87 9.63 -4.04 3.56
C ILE A 87 10.70 -3.08 4.06
N THR A 88 10.58 -2.66 5.32
CA THR A 88 11.57 -1.79 5.95
C THR A 88 12.97 -2.40 5.92
N ARG A 89 13.08 -3.65 6.31
CA ARG A 89 14.37 -4.35 6.32
C ARG A 89 14.94 -4.42 4.90
N PHE A 90 14.07 -4.63 3.93
CA PHE A 90 14.48 -4.74 2.53
C PHE A 90 15.22 -3.49 2.06
N PHE A 91 14.59 -2.33 2.24
CA PHE A 91 15.15 -1.08 1.73
C PHE A 91 16.30 -0.55 2.56
N VAL A 92 16.26 -0.79 3.87
CA VAL A 92 17.40 -0.44 4.71
C VAL A 92 18.65 -1.21 4.26
N ASP A 93 18.49 -2.49 3.95
CA ASP A 93 19.60 -3.32 3.49
C ASP A 93 20.15 -2.91 2.12
N ARG A 94 19.32 -2.28 1.30
CA ARG A 94 19.75 -1.87 -0.03
C ARG A 94 20.12 -0.39 -0.10
N GLY A 95 20.36 0.23 1.04
CA GLY A 95 20.93 1.57 1.08
C GLY A 95 19.95 2.72 1.18
N PHE A 96 18.67 2.41 1.35
CA PHE A 96 17.65 3.45 1.53
C PHE A 96 17.47 3.85 3.00
N LEU A 97 17.39 5.16 3.24
CA LEU A 97 17.19 5.71 4.57
C LEU A 97 15.71 5.75 4.93
N GLU A 98 15.36 5.24 6.12
CA GLU A 98 13.96 5.17 6.58
C GLU A 98 13.40 6.52 7.05
N ILE A 99 12.33 6.97 6.42
CA ILE A 99 11.70 8.23 6.80
C ILE A 99 10.40 8.04 7.56
N LYS A 100 10.21 8.80 8.64
CA LYS A 100 8.91 8.93 9.30
C LYS A 100 8.47 10.40 9.29
N SER A 101 7.65 10.78 8.31
CA SER A 101 7.23 12.17 8.14
C SER A 101 5.76 12.36 8.57
N PRO A 102 5.31 13.61 8.73
CA PRO A 102 3.94 13.86 9.20
C PRO A 102 2.86 13.26 8.32
N ILE A 103 1.80 12.76 8.95
CA ILE A 103 0.65 12.23 8.23
C ILE A 103 -0.32 13.36 7.94
N LEU A 104 -0.47 14.24 8.93
CA LEU A 104 -1.27 15.43 8.80
C LEU A 104 -0.39 16.54 8.21
N ILE A 105 -0.64 16.89 6.94
CA ILE A 105 0.24 17.81 6.22
C ILE A 105 -0.45 19.14 5.85
N PRO A 106 0.35 20.20 5.58
CA PRO A 106 -0.25 21.47 5.16
C PRO A 106 -1.01 21.34 3.84
N LEU A 107 -2.15 21.99 3.76
CA LEU A 107 -3.02 21.91 2.60
C LEU A 107 -2.36 22.44 1.32
N GLU A 108 -1.39 23.36 1.47
CA GLU A 108 -0.72 23.92 0.31
C GLU A 108 0.18 22.91 -0.39
N TYR A 109 0.58 21.86 0.33
CA TYR A 109 1.35 20.79 -0.26
C TYR A 109 0.56 20.12 -1.38
N ILE A 110 -0.77 20.11 -1.23
CA ILE A 110 -1.66 19.55 -2.23
C ILE A 110 -1.65 20.39 -3.51
N GLU A 111 -1.80 21.71 -3.35
CA GLU A 111 -1.77 22.62 -4.49
C GLU A 111 -0.42 22.59 -5.19
N ARG A 112 0.66 22.50 -4.42
CA ARG A 112 2.01 22.47 -4.99
C ARG A 112 2.37 21.13 -5.62
N MET A 113 1.53 20.12 -5.42
CA MET A 113 1.73 18.84 -6.09
C MET A 113 1.08 18.86 -7.48
N GLY A 114 0.40 19.95 -7.80
CA GLY A 114 -0.24 20.08 -9.09
C GLY A 114 -1.65 19.55 -9.08
N ILE A 115 -2.24 19.50 -7.90
CA ILE A 115 -3.60 18.98 -7.73
C ILE A 115 -4.57 20.14 -7.54
N ASP A 116 -4.98 20.75 -8.65
CA ASP A 116 -5.97 21.81 -8.61
C ASP A 116 -7.36 21.24 -8.78
N ASN A 117 -8.37 22.10 -8.73
CA ASN A 117 -9.77 21.68 -8.63
C ASN A 117 -10.37 20.97 -9.85
N ASP A 118 -9.54 20.69 -10.85
CA ASP A 118 -9.98 19.97 -12.05
C ASP A 118 -9.44 18.55 -12.10
N THR A 119 -8.64 18.18 -11.11
CA THR A 119 -8.07 16.85 -11.04
C THR A 119 -9.01 15.91 -10.28
N GLU A 120 -8.84 14.60 -10.49
CA GLU A 120 -9.63 13.61 -9.77
C GLU A 120 -9.29 13.67 -8.28
N LEU A 121 -8.00 13.81 -7.97
CA LEU A 121 -7.52 13.78 -6.61
C LEU A 121 -8.01 14.96 -5.75
N SER A 122 -8.37 16.07 -6.39
CA SER A 122 -8.82 17.26 -5.67
C SER A 122 -10.05 16.97 -4.81
N LYS A 123 -10.90 16.07 -5.29
CA LYS A 123 -12.14 15.74 -4.60
C LYS A 123 -11.93 14.62 -3.58
N GLN A 124 -10.72 14.08 -3.53
CA GLN A 124 -10.43 12.94 -2.68
C GLN A 124 -9.70 13.33 -1.38
N ILE A 125 -9.47 14.62 -1.20
CA ILE A 125 -8.67 15.08 -0.07
C ILE A 125 -9.50 15.17 1.21
N PHE A 126 -9.04 14.49 2.26
CA PHE A 126 -9.64 14.63 3.59
C PHE A 126 -9.09 15.87 4.26
N ARG A 127 -9.83 16.97 4.20
CA ARG A 127 -9.39 18.21 4.82
C ARG A 127 -9.57 18.20 6.34
N VAL A 128 -8.66 18.84 7.04
CA VAL A 128 -8.71 18.95 8.50
C VAL A 128 -8.39 20.40 8.87
N ASP A 129 -9.26 21.03 9.66
CA ASP A 129 -9.18 22.47 9.92
C ASP A 129 -9.19 23.28 8.63
N LYS A 130 -8.60 24.47 8.68
CA LYS A 130 -8.59 25.37 7.53
C LYS A 130 -7.33 25.19 6.70
N ASN A 131 -6.25 24.76 7.35
CA ASN A 131 -4.93 24.77 6.72
C ASN A 131 -4.26 23.41 6.61
N PHE A 132 -4.97 22.36 6.99
CA PHE A 132 -4.38 21.03 6.97
C PHE A 132 -5.25 19.99 6.26
N CYS A 133 -4.66 18.81 6.06
CA CYS A 133 -5.36 17.69 5.48
C CYS A 133 -4.60 16.40 5.75
N LEU A 134 -5.23 15.28 5.43
CA LEU A 134 -4.57 13.97 5.54
C LEU A 134 -3.87 13.64 4.23
N ARG A 135 -2.61 13.24 4.31
CA ARG A 135 -1.81 13.01 3.12
C ARG A 135 -2.44 11.90 2.27
N PRO A 136 -2.65 12.19 0.98
CA PRO A 136 -3.14 11.21 0.01
C PRO A 136 -1.97 10.48 -0.66
N MET A 137 -0.76 10.87 -0.30
CA MET A 137 0.46 10.31 -0.90
C MET A 137 1.66 10.77 -0.09
N LEU A 138 2.80 10.11 -0.28
CA LEU A 138 4.01 10.43 0.47
C LEU A 138 4.92 11.41 -0.26
N ALA A 139 4.52 11.82 -1.46
CA ALA A 139 5.39 12.64 -2.32
C ALA A 139 5.84 13.99 -1.74
N PRO A 140 4.90 14.84 -1.29
CA PRO A 140 5.34 16.14 -0.81
C PRO A 140 6.36 16.10 0.34
N ASN A 141 6.15 15.23 1.33
CA ASN A 141 7.09 15.13 2.44
C ASN A 141 8.45 14.59 1.99
N LEU A 142 8.42 13.63 1.07
CA LEU A 142 9.66 13.06 0.54
C LEU A 142 10.39 14.04 -0.37
N TYR A 143 9.63 14.84 -1.10
CA TYR A 143 10.20 15.92 -1.91
C TYR A 143 11.03 16.85 -1.04
N ASN A 144 10.45 17.30 0.07
CA ASN A 144 11.15 18.19 1.00
C ASN A 144 12.39 17.54 1.62
N TYR A 145 12.30 16.25 1.92
CA TYR A 145 13.44 15.53 2.48
C TYR A 145 14.57 15.40 1.46
N LEU A 146 14.22 15.18 0.20
CA LEU A 146 15.22 15.10 -0.87
C LEU A 146 16.02 16.38 -0.98
N ARG A 147 15.34 17.52 -0.92
CA ARG A 147 16.00 18.81 -1.05
C ARG A 147 16.94 19.06 0.11
N LYS A 148 16.49 18.75 1.32
CA LYS A 148 17.25 19.05 2.53
C LYS A 148 18.44 18.12 2.73
N LEU A 149 18.26 16.85 2.36
CA LEU A 149 19.30 15.85 2.52
C LEU A 149 20.42 16.00 1.49
N ASP A 150 20.13 16.71 0.40
CA ASP A 150 21.14 16.92 -0.64
C ASP A 150 22.31 17.75 -0.14
N ARG A 151 22.05 18.59 0.85
CA ARG A 151 23.05 19.45 1.44
C ARG A 151 23.88 18.72 2.49
N ALA A 152 23.56 17.45 2.74
CA ALA A 152 24.20 16.70 3.81
C ALA A 152 24.73 15.32 3.40
N LEU A 153 24.13 14.74 2.36
CA LEU A 153 24.41 13.35 1.99
C LEU A 153 25.07 13.20 0.62
N PRO A 154 25.96 12.21 0.49
CA PRO A 154 26.66 11.93 -0.78
C PRO A 154 25.74 11.32 -1.84
N ASP A 155 26.09 11.52 -3.09
CA ASP A 155 25.36 10.98 -4.24
C ASP A 155 25.59 9.46 -4.35
N PRO A 156 24.52 8.69 -4.62
CA PRO A 156 23.14 9.16 -4.77
C PRO A 156 22.39 9.15 -3.43
N ILE A 157 21.24 9.81 -3.40
CA ILE A 157 20.43 9.88 -2.19
C ILE A 157 19.23 8.95 -2.27
N LYS A 158 19.19 7.97 -1.38
CA LYS A 158 18.19 6.91 -1.40
C LYS A 158 17.37 6.91 -0.11
N ILE A 159 16.07 7.19 -0.22
CA ILE A 159 15.19 7.24 0.95
C ILE A 159 13.88 6.49 0.70
N PHE A 160 13.15 6.24 1.78
CA PHE A 160 11.84 5.62 1.66
C PHE A 160 10.98 5.89 2.88
N GLU A 161 9.67 5.75 2.71
CA GLU A 161 8.73 5.88 3.82
C GLU A 161 7.60 4.85 3.69
N ILE A 162 7.16 4.33 4.82
CA ILE A 162 5.95 3.53 4.89
C ILE A 162 5.03 4.14 5.93
N GLY A 163 3.78 4.41 5.54
CA GLY A 163 2.82 4.97 6.48
C GLY A 163 1.42 5.13 5.91
N PRO A 164 0.47 5.51 6.78
CA PRO A 164 -0.93 5.71 6.39
C PRO A 164 -1.11 6.80 5.34
N CYS A 165 -2.08 6.61 4.45
CA CYS A 165 -2.46 7.61 3.46
C CYS A 165 -3.97 7.59 3.30
N TYR A 166 -4.55 8.74 2.97
CA TYR A 166 -6.00 8.89 2.98
C TYR A 166 -6.57 9.48 1.71
N ARG A 167 -7.49 8.75 1.09
CA ARG A 167 -8.21 9.25 -0.07
C ARG A 167 -9.69 8.88 0.02
N LYS A 168 -10.57 9.85 -0.19
CA LYS A 168 -11.98 9.56 -0.37
C LYS A 168 -12.14 8.76 -1.66
N GLU A 169 -12.66 7.54 -1.54
CA GLU A 169 -12.80 6.65 -2.69
C GLU A 169 -14.24 6.18 -2.87
N SER A 170 -14.69 6.14 -4.12
CA SER A 170 -16.05 5.69 -4.43
C SER A 170 -16.13 4.16 -4.48
N ASP A 171 -15.06 3.52 -4.95
CA ASP A 171 -15.00 2.06 -5.01
C ASP A 171 -14.80 1.47 -3.61
N GLY A 172 -14.68 0.16 -3.53
CA GLY A 172 -14.50 -0.50 -2.24
C GLY A 172 -13.94 -1.90 -2.34
N LYS A 173 -13.74 -2.38 -3.57
CA LYS A 173 -13.27 -3.74 -3.78
C LYS A 173 -11.74 -3.80 -3.89
N GLU A 174 -11.15 -2.74 -4.42
CA GLU A 174 -9.68 -2.64 -4.49
C GLU A 174 -9.21 -1.36 -3.80
N HIS A 175 -10.16 -0.60 -3.25
CA HIS A 175 -9.85 0.69 -2.63
C HIS A 175 -10.23 0.79 -1.15
N LEU A 176 -9.38 1.45 -0.39
CA LEU A 176 -9.64 1.79 1.00
C LEU A 176 -9.50 3.28 1.14
N GLU A 177 -10.26 3.88 2.04
CA GLU A 177 -10.13 5.30 2.30
C GLU A 177 -8.95 5.56 3.20
N GLU A 178 -8.67 4.60 4.08
CA GLU A 178 -7.48 4.62 4.93
C GLU A 178 -6.58 3.45 4.56
N PHE A 179 -5.45 3.74 3.93
CA PHE A 179 -4.54 2.69 3.49
C PHE A 179 -3.10 3.04 3.81
N THR A 180 -2.20 2.09 3.57
CA THR A 180 -0.79 2.26 3.88
C THR A 180 0.04 2.26 2.59
N MET A 181 0.88 3.27 2.41
CA MET A 181 1.68 3.37 1.21
C MET A 181 3.18 3.21 1.49
N LEU A 182 3.86 2.54 0.57
CA LEU A 182 5.33 2.49 0.54
C LEU A 182 5.84 3.29 -0.65
N SER A 183 6.64 4.31 -0.38
CA SER A 183 7.29 5.07 -1.45
C SER A 183 8.80 5.09 -1.24
N PHE A 184 9.53 4.75 -2.30
CA PHE A 184 10.99 4.85 -2.26
C PHE A 184 11.47 5.71 -3.40
N ILE A 185 12.56 6.45 -3.16
CA ILE A 185 13.14 7.34 -4.17
C ILE A 185 14.66 7.27 -4.15
N GLN A 186 15.27 7.30 -5.33
CA GLN A 186 16.71 7.50 -5.45
C GLN A 186 16.95 8.79 -6.26
N MET A 187 17.89 9.61 -5.81
CA MET A 187 18.18 10.86 -6.52
C MET A 187 19.66 10.99 -6.89
N GLY A 188 19.93 11.44 -8.11
CA GLY A 188 21.29 11.67 -8.58
C GLY A 188 21.79 10.63 -9.56
N SER A 189 22.82 9.88 -9.15
N SER A 189 22.82 9.88 -9.15
CA SER A 189 23.45 8.89 -10.01
CA SER A 189 23.45 8.89 -10.01
C SER A 189 22.60 7.63 -10.15
C SER A 189 22.60 7.63 -10.15
N GLY A 190 22.71 6.97 -11.29
CA GLY A 190 22.04 5.70 -11.50
C GLY A 190 20.52 5.72 -11.56
N CYS A 191 19.94 6.89 -11.78
CA CYS A 191 18.49 7.01 -11.85
C CYS A 191 17.97 6.67 -13.23
N THR A 192 17.97 5.38 -13.55
CA THR A 192 17.57 4.90 -14.87
C THR A 192 16.36 3.98 -14.81
N ARG A 193 15.65 3.88 -15.93
CA ARG A 193 14.51 2.99 -16.07
C ARG A 193 14.89 1.56 -15.70
N GLU A 194 16.04 1.11 -16.19
CA GLU A 194 16.51 -0.24 -15.90
C GLU A 194 16.77 -0.45 -14.41
N ASN A 195 17.40 0.54 -13.77
CA ASN A 195 17.68 0.45 -12.34
CA ASN A 195 17.67 0.45 -12.35
C ASN A 195 16.38 0.43 -11.53
N LEU A 196 15.44 1.28 -11.92
CA LEU A 196 14.14 1.33 -11.26
C LEU A 196 13.40 0.00 -11.38
N GLU A 197 13.44 -0.60 -12.57
CA GLU A 197 12.79 -1.89 -12.78
C GLU A 197 13.48 -3.02 -12.01
N SER A 198 14.79 -2.89 -11.81
CA SER A 198 15.57 -3.88 -11.08
C SER A 198 15.18 -3.89 -9.61
N ILE A 199 15.02 -2.70 -9.03
CA ILE A 199 14.60 -2.59 -7.63
C ILE A 199 13.21 -3.18 -7.44
N ILE A 200 12.28 -2.78 -8.29
CA ILE A 200 10.92 -3.30 -8.27
C ILE A 200 10.91 -4.82 -8.38
N THR A 201 11.69 -5.36 -9.32
CA THR A 201 11.75 -6.79 -9.56
C THR A 201 12.29 -7.54 -8.35
N ASP A 202 13.40 -7.06 -7.81
CA ASP A 202 14.02 -7.69 -6.64
C ASP A 202 13.05 -7.66 -5.48
N PHE A 203 12.36 -6.54 -5.33
CA PHE A 203 11.40 -6.32 -4.24
C PHE A 203 10.26 -7.31 -4.27
N LEU A 204 9.53 -7.36 -5.39
CA LEU A 204 8.39 -8.24 -5.50
C LEU A 204 8.74 -9.73 -5.50
N ASN A 205 9.93 -10.07 -6.01
CA ASN A 205 10.37 -11.47 -5.95
C ASN A 205 10.75 -11.85 -4.52
N HIS A 206 11.17 -10.86 -3.75
CA HIS A 206 11.47 -11.07 -2.33
C HIS A 206 10.20 -11.38 -1.55
N LEU A 207 9.13 -10.65 -1.86
CA LEU A 207 7.85 -10.84 -1.18
C LEU A 207 7.13 -12.10 -1.65
N GLY A 208 7.41 -12.49 -2.90
CA GLY A 208 6.74 -13.65 -3.49
C GLY A 208 5.42 -13.27 -4.13
N ILE A 209 5.42 -12.11 -4.79
CA ILE A 209 4.22 -11.58 -5.45
C ILE A 209 4.42 -11.45 -6.96
N ASP A 210 3.61 -12.15 -7.74
CA ASP A 210 3.72 -12.11 -9.20
C ASP A 210 3.29 -10.75 -9.74
N PHE A 211 3.95 -10.30 -10.80
CA PHE A 211 3.67 -8.98 -11.37
C PHE A 211 4.04 -8.89 -12.85
N LYS A 212 3.74 -7.73 -13.45
CA LYS A 212 4.20 -7.38 -14.78
C LYS A 212 4.27 -5.86 -14.88
N ILE A 213 5.34 -5.35 -15.48
CA ILE A 213 5.52 -3.90 -15.62
C ILE A 213 4.93 -3.39 -16.94
N VAL A 214 4.14 -2.34 -16.86
CA VAL A 214 3.48 -1.77 -18.05
C VAL A 214 3.96 -0.33 -18.32
N GLY A 215 4.76 -0.19 -19.38
CA GLY A 215 5.32 1.10 -19.76
C GLY A 215 4.52 1.77 -20.86
N GLY A 222 8.10 12.62 -17.70
CA GLY A 222 9.05 11.55 -17.88
C GLY A 222 8.38 10.19 -18.04
N ASP A 223 9.16 9.13 -17.91
CA ASP A 223 8.64 7.77 -18.02
C ASP A 223 7.76 7.39 -16.82
N THR A 224 6.50 7.06 -17.09
CA THR A 224 5.59 6.62 -16.05
C THR A 224 5.25 5.14 -16.19
N LEU A 225 5.63 4.35 -15.19
CA LEU A 225 5.40 2.91 -15.19
C LEU A 225 4.24 2.50 -14.31
N ASP A 226 3.72 1.31 -14.54
CA ASP A 226 2.71 0.73 -13.67
C ASP A 226 2.98 -0.74 -13.41
N VAL A 227 2.97 -1.12 -12.13
CA VAL A 227 3.20 -2.49 -11.74
C VAL A 227 1.86 -3.17 -11.50
N MET A 228 1.57 -4.20 -12.29
CA MET A 228 0.25 -4.81 -12.30
C MET A 228 0.25 -6.26 -11.83
N HIS A 229 -0.79 -6.63 -11.08
CA HIS A 229 -1.06 -8.02 -10.80
C HIS A 229 -2.44 -8.35 -11.36
N GLY A 230 -2.48 -8.85 -12.60
CA GLY A 230 -3.73 -9.00 -13.30
C GLY A 230 -4.23 -7.62 -13.69
N ASP A 231 -5.44 -7.27 -13.25
CA ASP A 231 -5.97 -5.94 -13.51
C ASP A 231 -5.89 -5.08 -12.25
N LEU A 232 -5.00 -5.46 -11.34
CA LEU A 232 -4.85 -4.76 -10.09
C LEU A 232 -3.54 -4.01 -10.06
N GLU A 233 -3.64 -2.69 -9.88
CA GLU A 233 -2.45 -1.85 -9.83
C GLU A 233 -1.76 -1.93 -8.48
N LEU A 234 -0.55 -2.49 -8.46
CA LEU A 234 0.24 -2.57 -7.23
C LEU A 234 1.01 -1.29 -7.01
N SER A 235 1.52 -0.70 -8.09
CA SER A 235 2.39 0.45 -7.98
C SER A 235 2.37 1.36 -9.20
N SER A 236 2.65 2.64 -8.98
CA SER A 236 2.96 3.55 -10.07
C SER A 236 4.34 4.14 -9.89
N ALA A 237 5.23 3.76 -10.80
CA ALA A 237 6.60 4.20 -10.76
C ALA A 237 6.84 5.31 -11.76
N VAL A 238 7.77 6.20 -11.44
CA VAL A 238 8.09 7.33 -12.28
C VAL A 238 9.60 7.46 -12.45
N VAL A 239 10.04 7.75 -13.67
CA VAL A 239 11.43 8.09 -13.92
C VAL A 239 11.57 9.58 -14.21
N GLY A 240 12.05 10.32 -13.22
CA GLY A 240 12.26 11.76 -13.36
C GLY A 240 13.51 12.06 -14.17
N PRO A 241 13.79 13.36 -14.37
CA PRO A 241 13.06 14.52 -13.84
C PRO A 241 11.73 14.78 -14.51
N ILE A 242 10.83 15.42 -13.77
CA ILE A 242 9.57 15.92 -14.31
C ILE A 242 9.52 17.41 -14.00
N PRO A 243 8.70 18.17 -14.75
CA PRO A 243 8.70 19.63 -14.54
C PRO A 243 8.18 20.08 -13.16
N LEU A 244 7.64 19.15 -12.39
CA LEU A 244 7.12 19.46 -11.05
C LEU A 244 8.24 19.61 -10.02
N ASP A 245 9.39 19.00 -10.31
CA ASP A 245 10.51 19.02 -9.37
C ASP A 245 10.94 20.42 -8.95
N ARG A 246 10.82 21.38 -9.86
CA ARG A 246 11.32 22.73 -9.60
C ARG A 246 10.53 23.42 -8.50
N GLU A 247 9.24 23.12 -8.40
CA GLU A 247 8.41 23.71 -7.35
C GLU A 247 8.89 23.30 -5.96
N TRP A 248 9.51 22.13 -5.90
CA TRP A 248 10.01 21.60 -4.63
C TRP A 248 11.52 21.81 -4.46
N GLY A 249 12.13 22.52 -5.41
CA GLY A 249 13.54 22.83 -5.35
C GLY A 249 14.41 21.64 -5.68
N ILE A 250 13.92 20.79 -6.59
CA ILE A 250 14.65 19.59 -7.01
C ILE A 250 15.18 19.76 -8.43
N ASP A 251 16.48 19.55 -8.61
CA ASP A 251 17.13 19.84 -9.88
C ASP A 251 17.99 18.67 -10.40
N LYS A 252 17.73 17.47 -9.88
CA LYS A 252 18.51 16.29 -10.27
C LYS A 252 17.63 15.21 -10.89
N PRO A 253 18.23 14.21 -11.54
CA PRO A 253 17.44 13.05 -11.98
C PRO A 253 16.98 12.22 -10.78
N TRP A 254 15.88 11.50 -10.94
CA TRP A 254 15.40 10.62 -9.88
C TRP A 254 14.51 9.49 -10.42
N ILE A 255 14.41 8.42 -9.63
CA ILE A 255 13.49 7.32 -9.91
C ILE A 255 12.70 6.99 -8.65
N GLY A 256 11.45 6.59 -8.78
CA GLY A 256 10.60 6.36 -7.62
C GLY A 256 9.37 5.50 -7.89
N ALA A 257 8.82 4.93 -6.83
CA ALA A 257 7.62 4.10 -6.95
C ALA A 257 6.78 4.16 -5.69
N GLY A 258 5.46 4.09 -5.85
CA GLY A 258 4.56 4.06 -4.71
C GLY A 258 3.72 2.79 -4.70
N PHE A 259 3.85 2.00 -3.63
CA PHE A 259 3.10 0.75 -3.49
C PHE A 259 2.04 0.87 -2.40
N GLY A 260 0.95 0.13 -2.55
CA GLY A 260 -0.02 0.00 -1.49
C GLY A 260 0.17 -1.33 -0.78
N LEU A 261 0.44 -1.27 0.53
CA LEU A 261 0.67 -2.48 1.32
C LEU A 261 -0.55 -3.41 1.42
N GLU A 262 -1.75 -2.83 1.50
CA GLU A 262 -2.96 -3.65 1.58
C GLU A 262 -3.21 -4.41 0.28
N ARG A 263 -2.91 -3.79 -0.85
CA ARG A 263 -2.98 -4.49 -2.13
C ARG A 263 -1.93 -5.60 -2.21
N LEU A 264 -0.73 -5.32 -1.72
CA LEU A 264 0.31 -6.36 -1.64
C LEU A 264 -0.16 -7.55 -0.80
N LEU A 265 -0.73 -7.26 0.37
CA LEU A 265 -1.28 -8.30 1.24
C LEU A 265 -2.41 -9.08 0.57
N LYS A 266 -3.29 -8.35 -0.11
CA LYS A 266 -4.44 -8.95 -0.80
C LYS A 266 -3.98 -10.00 -1.81
N VAL A 267 -2.98 -9.65 -2.61
CA VAL A 267 -2.42 -10.56 -3.60
C VAL A 267 -1.70 -11.72 -2.93
N LYS A 268 -0.85 -11.41 -1.96
CA LYS A 268 -0.05 -12.42 -1.28
C LYS A 268 -0.92 -13.46 -0.58
N HIS A 269 -2.02 -13.00 0.02
CA HIS A 269 -2.86 -13.88 0.83
C HIS A 269 -4.15 -14.30 0.12
N ASP A 270 -4.26 -13.95 -1.16
CA ASP A 270 -5.40 -14.35 -1.98
C ASP A 270 -6.73 -13.89 -1.40
N PHE A 271 -6.70 -12.76 -0.69
CA PHE A 271 -7.91 -12.15 -0.16
C PHE A 271 -8.79 -11.67 -1.32
N LYS A 272 -10.07 -11.96 -1.24
CA LYS A 272 -10.99 -11.60 -2.32
C LYS A 272 -11.43 -10.15 -2.22
N ASN A 273 -11.40 -9.60 -1.01
CA ASN A 273 -11.67 -8.19 -0.80
C ASN A 273 -10.56 -7.53 0.00
N ILE A 274 -10.21 -6.31 -0.37
CA ILE A 274 -9.08 -5.59 0.23
C ILE A 274 -9.31 -5.21 1.69
N LYS A 275 -10.57 -5.22 2.13
CA LYS A 275 -10.91 -4.87 3.51
C LYS A 275 -10.40 -5.91 4.52
N ARG A 276 -10.05 -7.09 4.03
CA ARG A 276 -9.46 -8.12 4.87
C ARG A 276 -8.01 -7.82 5.22
N ALA A 277 -7.44 -6.82 4.56
CA ALA A 277 -6.01 -6.50 4.73
C ALA A 277 -5.82 -5.13 5.35
N ALA A 278 -6.92 -4.45 5.65
CA ALA A 278 -6.87 -3.08 6.15
C ALA A 278 -6.73 -3.03 7.67
N ARG A 279 -6.34 -1.86 8.17
CA ARG A 279 -6.55 -1.52 9.56
C ARG A 279 -8.04 -1.65 9.77
N SER A 280 -8.46 -2.50 10.70
CA SER A 280 -9.87 -2.82 10.79
C SER A 280 -10.25 -3.37 12.15
N GLU A 281 -11.52 -3.22 12.50
CA GLU A 281 -12.05 -3.87 13.69
C GLU A 281 -12.84 -5.10 13.28
N SER A 282 -12.98 -5.29 11.96
CA SER A 282 -13.75 -6.40 11.41
C SER A 282 -12.89 -7.60 10.99
N TYR A 283 -11.62 -7.36 10.73
CA TYR A 283 -10.72 -8.44 10.35
C TYR A 283 -9.36 -8.33 11.02
N TYR A 284 -8.89 -9.45 11.56
CA TYR A 284 -7.51 -9.54 12.03
C TYR A 284 -6.78 -10.57 11.19
N ASN A 285 -5.75 -10.12 10.49
CA ASN A 285 -5.00 -10.97 9.57
C ASN A 285 -5.92 -11.69 8.60
N GLY A 286 -6.92 -10.98 8.10
CA GLY A 286 -7.82 -11.53 7.12
C GLY A 286 -8.82 -12.51 7.70
N ILE A 287 -8.85 -12.59 9.03
CA ILE A 287 -9.80 -13.44 9.73
C ILE A 287 -10.89 -12.60 10.38
N SER A 288 -12.15 -12.95 10.12
CA SER A 288 -13.27 -12.21 10.70
C SER A 288 -13.22 -12.20 12.22
N THR A 289 -13.48 -11.04 12.82
CA THR A 289 -13.47 -10.91 14.27
C THR A 289 -14.87 -10.99 14.84
N ASN A 290 -15.86 -11.13 13.96
CA ASN A 290 -17.24 -11.30 14.40
C ASN A 290 -17.63 -12.78 14.39
N LEU A 291 -17.25 -13.48 15.46
CA LEU A 291 -17.42 -14.92 15.57
C LEU A 291 -18.53 -15.32 16.56
MG MG B . -7.19 6.82 -7.36
MG MG C . -1.21 5.27 -10.33
PG ATP D . -6.07 3.43 -8.48
O1G ATP D . -6.07 1.94 -8.33
O2G ATP D . -7.14 4.09 -7.69
O3G ATP D . -5.99 3.85 -9.92
PB ATP D . -3.90 5.29 -8.11
O1B ATP D . -3.69 5.15 -9.58
O2B ATP D . -4.55 6.51 -7.56
O3B ATP D . -4.74 3.96 -7.72
PA ATP D . -1.32 6.01 -6.94
O1A ATP D . -0.20 5.60 -7.83
O2A ATP D . -1.69 7.46 -6.82
O3A ATP D . -2.54 5.00 -7.27
O5' ATP D . -0.76 5.49 -5.54
C5' ATP D . 0.28 4.51 -5.61
C4' ATP D . -0.21 3.17 -5.09
O4' ATP D . -0.97 3.37 -3.90
C3' ATP D . -1.14 2.42 -6.04
O3' ATP D . -0.41 1.55 -6.92
C2' ATP D . -2.03 1.63 -5.11
O2' ATP D . -1.48 0.35 -4.82
C1' ATP D . -2.00 2.39 -3.80
N9 ATP D . -3.31 3.03 -3.60
C8 ATP D . -3.73 4.20 -4.12
N7 ATP D . -4.99 4.49 -3.70
C5 ATP D . -5.40 3.48 -2.90
C6 ATP D . -6.62 3.15 -2.13
N6 ATP D . -7.69 3.98 -2.13
N1 ATP D . -6.63 2.00 -1.42
C2 ATP D . -5.57 1.16 -1.42
N3 ATP D . -4.43 1.40 -2.09
C4 ATP D . -4.28 2.52 -2.84
C4 33W E . 7.40 10.27 -6.71
C5 33W E . 6.63 9.08 -6.67
N 33W E . 3.57 7.98 -6.34
CA 33W E . 4.07 7.73 -4.98
CB 33W E . 5.60 7.44 -5.01
C1 33W E . 6.40 8.62 -5.40
C3 33W E . 7.73 10.68 -5.48
S2 33W E . 7.14 9.65 -4.24
BR 33W E . 8.70 12.23 -5.03
C 33W E . 3.80 8.93 -3.94
O 33W E . 4.17 8.78 -2.75
OXT 33W E . 3.24 9.94 -4.40
C1 EDO F . -4.19 -7.06 9.46
O1 EDO F . -5.34 -6.74 10.26
C2 EDO F . -4.56 -7.13 7.99
O2 EDO F . -5.39 -8.28 7.76
C1 EDO G . 3.60 -10.58 6.44
O1 EDO G . 4.55 -10.25 5.41
C2 EDO G . 2.29 -10.98 5.79
O2 EDO G . 2.58 -11.83 4.67
C1 EDO H . 15.94 -8.42 3.61
O1 EDO H . 15.73 -9.69 4.24
C2 EDO H . 17.22 -8.43 2.80
O2 EDO H . 17.43 -7.14 2.22
C1 EDO I . -0.28 -11.35 -12.53
O1 EDO I . -0.02 -12.69 -12.08
C2 EDO I . 0.69 -10.96 -13.63
O2 EDO I . 0.21 -9.79 -14.31
C1 EDO J . 18.17 19.75 -4.40
O1 EDO J . 19.11 20.12 -3.38
C2 EDO J . 18.91 19.10 -5.57
O2 EDO J . 18.00 18.96 -6.66
C1 EDO K . 23.23 -1.11 -17.80
O1 EDO K . 22.97 -1.75 -16.53
C2 EDO K . 23.39 -2.18 -18.88
O2 EDO K . 22.19 -2.96 -19.02
C1 EDO L . -7.39 -1.68 -10.12
O1 EDO L . -6.00 -1.36 -10.04
C2 EDO L . -8.15 -0.92 -9.04
O2 EDO L . -7.92 0.48 -9.20
#